data_3DAS
#
_entry.id   3DAS
#
_cell.length_a   49.033
_cell.length_b   41.260
_cell.length_c   85.931
_cell.angle_alpha   90.00
_cell.angle_beta   93.58
_cell.angle_gamma   90.00
#
_symmetry.space_group_name_H-M   'P 1 21 1'
#
loop_
_entity.id
_entity.type
_entity.pdbx_description
1 polymer 'Putative oxidoreductase'
2 non-polymer alpha-L-arabinopyranose
3 non-polymer 'CALCIUM ION'
4 non-polymer 'PYRROLOQUINOLINE QUINONE'
5 non-polymer 1,2-ETHANEDIOL
6 water water
#
_entity_poly.entity_id   1
_entity_poly.type   'polypeptide(L)'
_entity_poly.pdbx_seq_one_letter_code
;GA(MSE)SSPAGSPTEQAPPAKGSVKVLRTVATGLNSPWGLAPLPGGDLLVSSRDEATITRVDAKTGRKTELGEVPGVSP
SGEGGLLGIALSPDYASDH(MSE)VYAYFTSASDNRIVR(MSE)LYDEKKPSGEQLGAPDTVFRGIPKGVIHNGGRIAFG
PDK(MSE)LYAGTGESGDTGLSQDRKSLGGKILR(MSE)TPDGEPAPGNPFPGSPVYSYGHRNVQGLAWDDKQRLFASEF
GQDTWDELNAIKPGDNYGWPEAEGKGGGSGFHDPVAQWSTDEASPSGIAYAEGSVW(MSE)AGLRGERLWRIPLKGTAAA
ADPQAFLEGEYGRLRTVAPAGGDKLWLVTSNTDGRGDAKGGDDRILELEVE
;
_entity_poly.pdbx_strand_id   A
#
# COMPACT_ATOMS: atom_id res chain seq x y z
N ALA A 14 16.32 12.24 14.83
N ALA A 14 15.41 13.66 13.44
CA ALA A 14 15.37 13.38 14.99
CA ALA A 14 15.52 12.97 14.76
C ALA A 14 14.05 13.04 15.70
C ALA A 14 14.19 12.97 15.53
N PRO A 15 13.34 11.95 15.27
CA PRO A 15 12.09 11.70 16.01
C PRO A 15 12.39 11.22 17.43
N PRO A 16 11.49 11.51 18.38
CA PRO A 16 11.72 11.03 19.74
C PRO A 16 11.70 9.50 19.78
N ALA A 17 12.41 8.92 20.75
CA ALA A 17 12.43 7.47 20.90
C ALA A 17 11.02 6.95 21.17
N LYS A 18 10.28 7.68 22.01
CA LYS A 18 8.92 7.30 22.39
CA LYS A 18 8.92 7.31 22.40
C LYS A 18 7.91 8.14 21.62
N GLY A 19 6.98 7.47 20.96
CA GLY A 19 5.99 8.17 20.16
C GLY A 19 4.62 8.23 20.79
N SER A 20 3.67 8.79 20.05
CA SER A 20 2.29 8.84 20.50
C SER A 20 1.37 8.86 19.30
N VAL A 21 0.14 8.40 19.53
CA VAL A 21 -0.90 8.40 18.50
C VAL A 21 -2.20 8.84 19.14
N LYS A 22 -2.77 9.90 18.59
CA LYS A 22 -4.08 10.40 19.01
CA LYS A 22 -4.09 10.35 19.01
C LYS A 22 -5.09 10.24 17.86
N VAL A 23 -6.22 9.60 18.14
CA VAL A 23 -7.28 9.49 17.15
C VAL A 23 -8.14 10.75 17.25
N LEU A 24 -7.99 11.63 16.27
CA LEU A 24 -8.70 12.92 16.30
C LEU A 24 -10.18 12.75 16.04
N ARG A 25 -10.52 11.90 15.06
CA ARG A 25 -11.91 11.70 14.66
C ARG A 25 -12.02 10.52 13.72
N THR A 26 -13.24 10.03 13.57
CA THR A 26 -13.57 9.12 12.50
C THR A 26 -14.05 9.97 11.32
N VAL A 27 -13.46 9.73 10.15
CA VAL A 27 -13.69 10.53 8.95
C VAL A 27 -14.84 9.98 8.09
N ALA A 28 -14.89 8.65 7.97
CA ALA A 28 -15.90 7.99 7.16
C ALA A 28 -16.18 6.61 7.72
N THR A 29 -17.38 6.11 7.44
CA THR A 29 -17.80 4.79 7.89
C THR A 29 -18.43 4.05 6.71
N GLY A 30 -18.68 2.76 6.91
CA GLY A 30 -19.43 1.96 5.95
C GLY A 30 -18.73 1.60 4.67
N LEU A 31 -17.39 1.58 4.69
CA LEU A 31 -16.63 1.21 3.50
C LEU A 31 -16.53 -0.30 3.36
N ASN A 32 -16.64 -0.80 2.12
CA ASN A 32 -16.46 -2.24 1.87
CA ASN A 32 -16.48 -2.23 1.85
C ASN A 32 -15.07 -2.53 1.34
N SER A 33 -14.41 -3.48 2.01
CA SER A 33 -13.05 -3.93 1.70
C SER A 33 -12.12 -2.82 1.20
N PRO A 34 -12.02 -1.71 1.96
CA PRO A 34 -11.19 -0.60 1.48
C PRO A 34 -9.74 -1.01 1.43
N TRP A 35 -9.01 -0.53 0.41
CA TRP A 35 -7.69 -1.05 0.16
C TRP A 35 -6.74 0.09 -0.21
N GLY A 36 -6.85 0.60 -1.42
CA GLY A 36 -6.01 1.72 -1.86
C GLY A 36 -6.57 3.04 -1.34
N LEU A 37 -5.66 3.95 -1.00
CA LEU A 37 -6.08 5.27 -0.53
C LEU A 37 -5.22 6.34 -1.21
N ALA A 38 -5.86 7.29 -1.88
CA ALA A 38 -5.17 8.35 -2.59
C ALA A 38 -5.64 9.71 -2.08
N PRO A 39 -4.86 10.33 -1.19
CA PRO A 39 -5.21 11.68 -0.73
C PRO A 39 -5.20 12.69 -1.88
N LEU A 40 -6.30 13.42 -2.02
CA LEU A 40 -6.46 14.42 -3.08
C LEU A 40 -5.89 15.78 -2.66
N PRO A 41 -5.42 16.60 -3.63
CA PRO A 41 -4.86 17.91 -3.30
C PRO A 41 -5.72 18.78 -2.39
N GLY A 42 -7.04 18.77 -2.59
CA GLY A 42 -7.93 19.62 -1.80
C GLY A 42 -8.30 19.13 -0.41
N GLY A 43 -7.74 17.99 -0.01
CA GLY A 43 -7.99 17.44 1.31
C GLY A 43 -8.89 16.21 1.37
N ASP A 44 -9.60 15.93 0.27
CA ASP A 44 -10.48 14.77 0.21
C ASP A 44 -9.69 13.49 -0.05
N LEU A 45 -10.37 12.35 -0.02
CA LEU A 45 -9.71 11.04 -0.20
C LEU A 45 -10.38 10.24 -1.29
N LEU A 46 -9.59 9.54 -2.12
CA LEU A 46 -10.14 8.45 -2.95
C LEU A 46 -9.79 7.13 -2.29
N VAL A 47 -10.75 6.21 -2.26
CA VAL A 47 -10.52 4.89 -1.65
C VAL A 47 -11.04 3.78 -2.56
N SER A 48 -10.24 2.74 -2.76
CA SER A 48 -10.71 1.62 -3.60
C SER A 48 -11.32 0.56 -2.71
N SER A 49 -12.28 -0.19 -3.26
CA SER A 49 -12.84 -1.38 -2.63
C SER A 49 -12.31 -2.60 -3.36
N ARG A 50 -11.67 -3.52 -2.63
CA ARG A 50 -11.09 -4.69 -3.27
C ARG A 50 -12.15 -5.56 -3.92
N ASP A 51 -13.23 -5.80 -3.19
CA ASP A 51 -14.21 -6.79 -3.60
C ASP A 51 -15.36 -6.21 -4.41
N GLU A 52 -15.63 -4.91 -4.26
CA GLU A 52 -16.66 -4.26 -5.07
CA GLU A 52 -16.67 -4.24 -5.06
C GLU A 52 -16.08 -3.58 -6.30
N ALA A 53 -14.76 -3.45 -6.35
CA ALA A 53 -14.05 -2.91 -7.52
C ALA A 53 -14.44 -1.45 -7.83
N THR A 54 -14.84 -0.73 -6.80
CA THR A 54 -15.22 0.68 -6.93
C THR A 54 -14.10 1.59 -6.43
N ILE A 55 -14.08 2.82 -6.91
CA ILE A 55 -13.29 3.88 -6.27
C ILE A 55 -14.31 4.90 -5.78
N THR A 56 -14.13 5.33 -4.53
CA THR A 56 -15.08 6.20 -3.85
C THR A 56 -14.35 7.44 -3.35
N ARG A 57 -14.96 8.61 -3.53
CA ARG A 57 -14.41 9.84 -2.96
C ARG A 57 -15.05 10.06 -1.61
N VAL A 58 -14.22 10.37 -0.62
CA VAL A 58 -14.68 10.71 0.72
C VAL A 58 -14.43 12.18 0.98
N ASP A 59 -15.52 12.89 1.31
CA ASP A 59 -15.43 14.29 1.71
CA ASP A 59 -15.45 14.29 1.71
C ASP A 59 -14.84 14.34 3.11
N ALA A 60 -13.69 14.99 3.22
CA ALA A 60 -12.95 15.00 4.50
C ALA A 60 -13.76 15.64 5.63
N LYS A 61 -14.53 16.68 5.30
CA LYS A 61 -15.30 17.43 6.29
CA LYS A 61 -15.31 17.42 6.29
C LYS A 61 -16.52 16.65 6.81
N THR A 62 -17.32 16.12 5.88
CA THR A 62 -18.61 15.50 6.23
C THR A 62 -18.61 13.98 6.27
N GLY A 63 -17.68 13.36 5.55
CA GLY A 63 -17.66 11.91 5.42
C GLY A 63 -18.53 11.42 4.28
N ARG A 64 -19.16 12.36 3.58
CA ARG A 64 -20.03 12.06 2.44
CA ARG A 64 -20.03 12.04 2.46
C ARG A 64 -19.24 11.31 1.38
N LYS A 65 -19.83 10.23 0.86
CA LYS A 65 -19.17 9.36 -0.10
C LYS A 65 -19.78 9.51 -1.49
N THR A 66 -18.92 9.62 -2.51
CA THR A 66 -19.34 9.66 -3.91
C THR A 66 -18.69 8.49 -4.63
N GLU A 67 -19.48 7.60 -5.23
CA GLU A 67 -18.89 6.53 -6.05
CA GLU A 67 -18.89 6.54 -6.04
C GLU A 67 -18.46 7.11 -7.39
N LEU A 68 -17.17 6.98 -7.70
CA LEU A 68 -16.67 7.44 -9.00
C LEU A 68 -17.18 6.48 -10.06
N GLY A 69 -17.08 5.19 -9.75
CA GLY A 69 -17.50 4.14 -10.66
C GLY A 69 -16.79 2.84 -10.35
N GLU A 70 -17.09 1.83 -11.17
CA GLU A 70 -16.49 0.51 -11.05
CA GLU A 70 -16.48 0.52 -11.04
C GLU A 70 -15.38 0.37 -12.08
N VAL A 71 -14.22 -0.10 -11.63
CA VAL A 71 -13.08 -0.32 -12.51
C VAL A 71 -13.35 -1.60 -13.30
N PRO A 72 -13.35 -1.49 -14.64
CA PRO A 72 -13.65 -2.69 -15.46
C PRO A 72 -12.54 -3.71 -15.45
N GLY A 73 -12.91 -4.99 -15.49
CA GLY A 73 -11.93 -6.07 -15.65
C GLY A 73 -11.44 -6.68 -14.36
N VAL A 74 -11.91 -6.16 -13.22
CA VAL A 74 -11.46 -6.65 -11.92
C VAL A 74 -12.11 -8.00 -11.61
N SER A 75 -11.29 -8.95 -11.15
CA SER A 75 -11.81 -10.26 -10.78
CA SER A 75 -11.79 -10.28 -10.77
C SER A 75 -11.42 -10.60 -9.33
N PRO A 76 -12.22 -10.14 -8.35
CA PRO A 76 -11.85 -10.39 -6.97
C PRO A 76 -11.96 -11.87 -6.57
N SER A 77 -11.01 -12.33 -5.78
CA SER A 77 -10.99 -13.67 -5.24
C SER A 77 -9.88 -13.75 -4.22
N GLY A 78 -10.18 -14.22 -3.01
CA GLY A 78 -9.17 -14.30 -1.95
C GLY A 78 -8.58 -12.92 -1.66
N GLU A 79 -7.26 -12.82 -1.76
CA GLU A 79 -6.57 -11.54 -1.50
C GLU A 79 -6.51 -10.65 -2.73
N GLY A 80 -7.00 -11.15 -3.86
CA GLY A 80 -6.97 -10.37 -5.10
C GLY A 80 -8.26 -9.60 -5.35
N GLY A 81 -8.16 -8.57 -6.19
CA GLY A 81 -9.29 -7.68 -6.51
C GLY A 81 -8.74 -6.32 -6.90
N LEU A 82 -9.51 -5.28 -6.60
CA LEU A 82 -9.02 -3.91 -6.84
C LEU A 82 -8.16 -3.51 -5.66
N LEU A 83 -6.88 -3.26 -5.93
CA LEU A 83 -5.93 -3.08 -4.85
C LEU A 83 -5.45 -1.62 -4.74
N GLY A 84 -4.15 -1.39 -4.84
CA GLY A 84 -3.64 -0.02 -4.66
C GLY A 84 -4.13 0.95 -5.72
N ILE A 85 -4.36 2.19 -5.30
CA ILE A 85 -4.56 3.29 -6.24
C ILE A 85 -3.55 4.40 -5.94
N ALA A 86 -3.25 5.21 -6.94
CA ALA A 86 -2.29 6.32 -6.76
C ALA A 86 -2.56 7.40 -7.79
N LEU A 87 -2.50 8.66 -7.36
CA LEU A 87 -2.64 9.78 -8.29
C LEU A 87 -1.40 9.93 -9.16
N SER A 88 -1.61 10.33 -10.42
CA SER A 88 -0.48 10.72 -11.26
C SER A 88 0.38 11.75 -10.53
N PRO A 89 1.70 11.73 -10.75
CA PRO A 89 2.47 12.84 -10.17
C PRO A 89 2.00 14.22 -10.62
N ASP A 90 1.36 14.27 -11.79
CA ASP A 90 0.86 15.52 -12.35
C ASP A 90 -0.67 15.56 -12.32
N TYR A 91 -1.23 14.86 -11.33
CA TYR A 91 -2.68 14.73 -11.18
C TYR A 91 -3.42 16.08 -11.21
N ALA A 92 -2.88 17.09 -10.55
CA ALA A 92 -3.57 18.38 -10.47
C ALA A 92 -3.95 18.89 -11.86
N SER A 93 -3.10 18.60 -12.84
CA SER A 93 -3.36 19.00 -14.22
CA SER A 93 -3.27 18.99 -14.24
C SER A 93 -3.89 17.90 -15.11
N ASP A 94 -3.46 16.64 -14.91
CA ASP A 94 -3.85 15.55 -15.83
C ASP A 94 -5.04 14.70 -15.38
N HIS A 95 -5.41 14.81 -14.11
CA HIS A 95 -6.58 14.14 -13.51
CA HIS A 95 -6.60 14.15 -13.55
C HIS A 95 -6.56 12.61 -13.65
N VAL A 97 -5.78 8.79 -12.47
CA VAL A 97 -5.72 7.91 -11.31
C VAL A 97 -5.24 6.53 -11.78
N TYR A 98 -4.20 6.03 -11.12
CA TYR A 98 -3.64 4.71 -11.44
C TYR A 98 -4.20 3.69 -10.46
N ALA A 99 -4.41 2.46 -10.94
CA ALA A 99 -4.95 1.39 -10.11
C ALA A 99 -4.26 0.08 -10.45
N TYR A 100 -3.95 -0.70 -9.42
CA TYR A 100 -3.42 -2.06 -9.55
C TYR A 100 -4.56 -3.00 -9.21
N PHE A 101 -4.82 -3.98 -10.07
CA PHE A 101 -5.86 -4.95 -9.76
C PHE A 101 -5.62 -6.33 -10.33
N THR A 102 -6.30 -7.29 -9.72
CA THR A 102 -6.29 -8.67 -10.16
C THR A 102 -7.36 -8.81 -11.25
N SER A 103 -6.93 -9.23 -12.43
CA SER A 103 -7.83 -9.47 -13.55
C SER A 103 -8.09 -10.98 -13.66
N ALA A 104 -8.76 -11.38 -14.74
CA ALA A 104 -8.99 -12.81 -14.98
C ALA A 104 -7.68 -13.58 -15.13
N SER A 105 -6.64 -12.92 -15.64
CA SER A 105 -5.41 -13.61 -16.05
C SER A 105 -4.14 -13.28 -15.26
N ASP A 106 -4.15 -12.14 -14.56
CA ASP A 106 -2.93 -11.63 -13.94
C ASP A 106 -3.26 -10.56 -12.90
N ASN A 107 -2.22 -9.91 -12.38
CA ASN A 107 -2.36 -8.58 -11.79
C ASN A 107 -1.81 -7.57 -12.77
N ARG A 108 -2.41 -6.38 -12.78
CA ARG A 108 -2.05 -5.38 -13.78
C ARG A 108 -2.27 -3.97 -13.25
N ILE A 109 -1.73 -2.99 -13.97
CA ILE A 109 -1.88 -1.59 -13.61
C ILE A 109 -2.49 -0.83 -14.78
N VAL A 110 -3.52 -0.04 -14.47
CA VAL A 110 -4.18 0.80 -15.45
C VAL A 110 -4.19 2.26 -14.96
N ARG A 111 -4.51 3.16 -15.89
CA ARG A 111 -4.78 4.55 -15.51
CA ARG A 111 -4.78 4.55 -15.53
C ARG A 111 -6.10 5.00 -16.13
N LEU A 113 -8.91 8.51 -16.49
CA LEU A 113 -9.23 9.91 -16.32
CA LEU A 113 -9.24 9.91 -16.33
C LEU A 113 -10.40 10.08 -15.35
N TYR A 114 -10.16 10.82 -14.28
CA TYR A 114 -11.18 11.08 -13.26
C TYR A 114 -11.80 12.45 -13.53
N ASP A 115 -13.13 12.50 -13.69
CA ASP A 115 -13.84 13.75 -13.88
C ASP A 115 -14.97 13.88 -12.85
N GLU A 116 -14.74 14.68 -11.81
CA GLU A 116 -15.69 14.83 -10.70
CA GLU A 116 -15.69 14.81 -10.70
C GLU A 116 -16.96 15.56 -11.10
N LYS A 117 -16.96 16.14 -12.30
CA LYS A 117 -18.13 16.86 -12.82
C LYS A 117 -19.14 15.93 -13.49
N LYS A 118 -18.74 14.68 -13.70
CA LYS A 118 -19.62 13.69 -14.30
CA LYS A 118 -19.60 13.66 -14.29
C LYS A 118 -20.57 13.08 -13.25
N PRO A 119 -21.68 12.45 -13.71
CA PRO A 119 -22.54 11.83 -12.69
C PRO A 119 -21.80 10.73 -11.94
N SER A 120 -22.19 10.52 -10.68
N SER A 120 -22.20 10.50 -10.68
CA SER A 120 -21.67 9.39 -9.89
CA SER A 120 -21.66 9.41 -9.88
C SER A 120 -21.80 8.10 -10.70
C SER A 120 -21.83 8.07 -10.61
N GLY A 121 -20.77 7.27 -10.62
CA GLY A 121 -20.75 6.00 -11.35
C GLY A 121 -20.15 6.14 -12.74
N GLU A 122 -20.06 7.38 -13.22
CA GLU A 122 -19.58 7.67 -14.57
CA GLU A 122 -19.56 7.64 -14.57
C GLU A 122 -18.34 8.56 -14.56
N GLN A 123 -17.65 8.61 -13.42
CA GLN A 123 -16.54 9.56 -13.25
C GLN A 123 -15.16 9.06 -13.68
N LEU A 124 -15.08 7.77 -14.02
CA LEU A 124 -13.81 7.19 -14.47
C LEU A 124 -13.87 6.88 -15.94
N GLY A 125 -12.92 7.44 -16.68
CA GLY A 125 -12.78 7.16 -18.10
C GLY A 125 -12.34 5.72 -18.34
N ALA A 126 -12.45 5.28 -19.58
CA ALA A 126 -12.05 3.92 -19.93
C ALA A 126 -10.56 3.72 -19.58
N PRO A 127 -10.24 2.59 -18.94
CA PRO A 127 -8.85 2.40 -18.52
C PRO A 127 -7.84 2.22 -19.65
N ASP A 128 -6.69 2.84 -19.47
CA ASP A 128 -5.53 2.61 -20.32
CA ASP A 128 -5.52 2.65 -20.30
C ASP A 128 -4.63 1.65 -19.55
N THR A 129 -4.37 0.49 -20.16
CA THR A 129 -3.55 -0.52 -19.45
C THR A 129 -2.09 -0.14 -19.64
N VAL A 130 -1.37 0.10 -18.54
CA VAL A 130 0.02 0.49 -18.65
CA VAL A 130 0.02 0.52 -18.61
C VAL A 130 1.00 -0.64 -18.38
N PHE A 131 0.55 -1.64 -17.64
CA PHE A 131 1.42 -2.77 -17.31
C PHE A 131 0.60 -4.01 -16.96
N ARG A 132 0.97 -5.14 -17.58
CA ARG A 132 0.28 -6.43 -17.42
CA ARG A 132 0.28 -6.39 -17.27
C ARG A 132 1.26 -7.53 -17.06
N GLY A 133 0.71 -8.69 -16.70
CA GLY A 133 1.50 -9.92 -16.64
C GLY A 133 2.07 -10.32 -15.30
N ILE A 134 1.72 -9.57 -14.25
CA ILE A 134 2.15 -9.95 -12.91
C ILE A 134 1.40 -11.22 -12.49
N PRO A 135 2.12 -12.25 -11.98
CA PRO A 135 1.44 -13.45 -11.49
C PRO A 135 0.33 -13.18 -10.48
N LYS A 136 -0.77 -13.92 -10.60
CA LYS A 136 -1.88 -13.82 -9.66
C LYS A 136 -2.15 -15.17 -8.99
N GLY A 137 -2.83 -15.12 -7.85
CA GLY A 137 -3.34 -16.30 -7.18
C GLY A 137 -4.43 -15.89 -6.23
N VAL A 138 -4.95 -16.87 -5.49
CA VAL A 138 -5.89 -16.56 -4.42
CA VAL A 138 -5.89 -16.62 -4.39
C VAL A 138 -5.18 -15.88 -3.24
N ILE A 139 -3.85 -16.04 -3.19
CA ILE A 139 -3.04 -15.35 -2.18
C ILE A 139 -1.84 -14.71 -2.85
N HIS A 140 -1.26 -13.73 -2.14
CA HIS A 140 0.04 -13.13 -2.48
C HIS A 140 0.06 -12.43 -3.81
N ASN A 141 -0.82 -11.45 -3.93
CA ASN A 141 -0.94 -10.60 -5.11
C ASN A 141 -0.31 -9.21 -4.90
N GLY A 142 0.33 -8.96 -3.76
CA GLY A 142 0.91 -7.62 -3.53
C GLY A 142 -0.18 -6.57 -3.65
N GLY A 143 0.11 -5.49 -4.37
CA GLY A 143 -0.94 -4.58 -4.82
C GLY A 143 -0.76 -3.12 -4.46
N ARG A 144 0.22 -2.80 -3.62
CA ARG A 144 0.45 -1.41 -3.28
C ARG A 144 1.27 -0.73 -4.38
N ILE A 145 0.74 0.38 -4.89
CA ILE A 145 1.47 1.20 -5.84
C ILE A 145 1.66 2.63 -5.32
N ALA A 146 2.73 3.26 -5.77
CA ALA A 146 3.00 4.64 -5.38
C ALA A 146 3.98 5.24 -6.34
N PHE A 147 3.88 6.56 -6.56
CA PHE A 147 4.91 7.24 -7.34
C PHE A 147 5.99 7.76 -6.41
N GLY A 148 7.23 7.46 -6.75
CA GLY A 148 8.38 7.90 -5.96
C GLY A 148 8.73 9.35 -6.19
N PRO A 149 9.64 9.89 -5.38
CA PRO A 149 10.11 11.26 -5.60
C PRO A 149 10.82 11.45 -6.96
N ASP A 150 11.17 10.34 -7.60
CA ASP A 150 11.73 10.32 -8.95
C ASP A 150 10.67 10.31 -10.06
N LYS A 151 9.39 10.41 -9.65
CA LYS A 151 8.26 10.42 -10.59
CA LYS A 151 8.24 10.41 -10.58
C LYS A 151 8.08 9.10 -11.36
N LEU A 153 6.82 4.99 -11.21
CA LEU A 153 5.77 4.20 -10.60
C LEU A 153 6.37 2.94 -9.98
N TYR A 154 6.09 2.75 -8.69
CA TYR A 154 6.55 1.57 -7.95
C TYR A 154 5.36 0.68 -7.59
N ALA A 155 5.58 -0.63 -7.64
CA ALA A 155 4.53 -1.59 -7.33
C ALA A 155 5.10 -2.75 -6.53
N GLY A 156 4.46 -3.06 -5.39
CA GLY A 156 4.81 -4.27 -4.66
C GLY A 156 4.00 -5.43 -5.22
N THR A 157 4.66 -6.55 -5.48
CA THR A 157 3.94 -7.75 -5.90
C THR A 157 4.07 -8.86 -4.86
N GLY A 158 3.42 -9.99 -5.12
CA GLY A 158 3.62 -11.20 -4.29
C GLY A 158 3.95 -12.37 -5.19
N GLU A 159 4.40 -13.48 -4.61
CA GLU A 159 4.75 -14.65 -5.43
C GLU A 159 3.57 -15.58 -5.74
N SER A 160 2.35 -15.10 -5.47
CA SER A 160 1.11 -15.83 -5.79
C SER A 160 0.97 -17.21 -5.14
N GLY A 161 1.79 -17.49 -4.12
CA GLY A 161 1.77 -18.78 -3.45
C GLY A 161 2.80 -19.75 -4.02
N ASP A 162 3.55 -19.30 -5.03
CA ASP A 162 4.60 -20.10 -5.65
C ASP A 162 5.94 -19.55 -5.19
N THR A 163 6.54 -20.20 -4.20
CA THR A 163 7.75 -19.65 -3.59
C THR A 163 8.94 -19.54 -4.56
N GLY A 164 8.87 -20.28 -5.67
CA GLY A 164 9.94 -20.29 -6.68
C GLY A 164 10.05 -19.04 -7.54
N LEU A 165 9.08 -18.15 -7.45
CA LEU A 165 9.09 -16.94 -8.27
C LEU A 165 9.99 -15.84 -7.72
N SER A 166 10.06 -15.71 -6.39
CA SER A 166 10.73 -14.56 -5.79
C SER A 166 12.19 -14.38 -6.18
N GLN A 167 12.94 -15.48 -6.20
CA GLN A 167 14.37 -15.44 -6.55
C GLN A 167 14.64 -15.34 -8.05
N ASP A 168 13.61 -15.58 -8.85
CA ASP A 168 13.73 -15.60 -10.30
C ASP A 168 13.58 -14.19 -10.85
N ARG A 169 14.68 -13.62 -11.31
CA ARG A 169 14.66 -12.23 -11.81
C ARG A 169 13.76 -12.06 -13.03
N LYS A 170 13.43 -13.17 -13.70
CA LYS A 170 12.58 -13.11 -14.89
CA LYS A 170 12.58 -13.14 -14.90
C LYS A 170 11.09 -13.19 -14.55
N SER A 171 10.77 -13.48 -13.29
CA SER A 171 9.37 -13.48 -12.84
C SER A 171 9.02 -12.15 -12.18
N LEU A 172 7.84 -11.62 -12.49
CA LEU A 172 7.35 -10.40 -11.85
C LEU A 172 6.77 -10.68 -10.46
N GLY A 173 6.66 -11.95 -10.08
CA GLY A 173 6.18 -12.32 -8.75
C GLY A 173 7.26 -12.21 -7.67
N GLY A 174 6.86 -11.72 -6.50
CA GLY A 174 7.79 -11.60 -5.35
C GLY A 174 8.82 -10.51 -5.54
N LYS A 175 8.37 -9.37 -6.07
CA LYS A 175 9.25 -8.26 -6.46
C LYS A 175 8.71 -6.92 -5.98
N ILE A 176 9.58 -5.92 -6.02
CA ILE A 176 9.12 -4.53 -6.12
C ILE A 176 9.53 -4.10 -7.52
N LEU A 177 8.56 -3.55 -8.26
CA LEU A 177 8.79 -3.11 -9.62
C LEU A 177 8.92 -1.58 -9.66
N ARG A 178 9.70 -1.09 -10.62
CA ARG A 178 9.82 0.34 -10.86
CA ARG A 178 9.79 0.33 -10.87
C ARG A 178 9.74 0.59 -12.37
N THR A 180 8.23 3.48 -15.74
CA THR A 180 7.78 4.82 -16.09
C THR A 180 6.27 4.86 -15.89
N PRO A 181 5.69 6.07 -15.78
CA PRO A 181 4.20 6.10 -15.73
C PRO A 181 3.52 5.43 -16.93
N ASP A 182 4.25 5.25 -18.04
CA ASP A 182 3.69 4.60 -19.22
CA ASP A 182 3.72 4.60 -19.24
C ASP A 182 3.90 3.08 -19.22
N GLY A 183 4.53 2.56 -18.16
CA GLY A 183 4.68 1.11 -18.00
C GLY A 183 5.96 0.49 -18.52
N GLU A 184 6.90 1.33 -18.97
CA GLU A 184 8.20 0.87 -19.44
CA GLU A 184 8.20 0.85 -19.44
C GLU A 184 9.18 0.70 -18.28
N PRO A 185 10.17 -0.23 -18.42
CA PRO A 185 11.16 -0.29 -17.35
C PRO A 185 11.78 1.09 -17.09
N ALA A 186 11.89 1.48 -15.82
CA ALA A 186 12.41 2.81 -15.49
C ALA A 186 13.88 2.92 -15.87
N PRO A 187 14.27 4.01 -16.55
CA PRO A 187 15.70 4.20 -16.80
C PRO A 187 16.49 4.19 -15.49
N GLY A 188 17.65 3.54 -15.51
CA GLY A 188 18.47 3.44 -14.31
C GLY A 188 18.14 2.26 -13.41
N ASN A 189 17.16 1.45 -13.81
CA ASN A 189 16.87 0.20 -13.09
C ASN A 189 18.09 -0.73 -13.04
N PRO A 190 18.15 -1.61 -12.03
CA PRO A 190 19.34 -2.44 -11.82
C PRO A 190 19.61 -3.49 -12.92
N PHE A 191 18.56 -3.96 -13.57
CA PHE A 191 18.70 -5.01 -14.58
C PHE A 191 18.20 -4.49 -15.93
N PRO A 192 19.05 -4.59 -16.97
N PRO A 192 19.12 -4.27 -16.88
CA PRO A 192 18.75 -4.08 -18.31
CA PRO A 192 18.73 -3.68 -18.17
C PRO A 192 17.40 -4.54 -18.80
C PRO A 192 17.55 -4.40 -18.86
N GLY A 193 16.55 -3.60 -19.24
CA GLY A 193 15.32 -4.00 -19.92
C GLY A 193 14.23 -4.58 -19.03
N SER A 194 14.43 -4.51 -17.72
CA SER A 194 13.51 -5.15 -16.77
C SER A 194 12.92 -4.13 -15.79
N PRO A 195 11.62 -4.27 -15.47
CA PRO A 195 10.99 -3.41 -14.47
C PRO A 195 11.29 -3.83 -13.03
N VAL A 196 12.04 -4.91 -12.84
CA VAL A 196 12.35 -5.37 -11.48
C VAL A 196 13.27 -4.40 -10.75
N TYR A 197 12.86 -3.95 -9.56
CA TYR A 197 13.65 -3.02 -8.77
C TYR A 197 14.40 -3.78 -7.66
N SER A 198 13.67 -4.61 -6.94
CA SER A 198 14.28 -5.50 -5.93
C SER A 198 13.54 -6.83 -5.98
N TYR A 199 14.17 -7.87 -5.44
CA TYR A 199 13.59 -9.20 -5.52
C TYR A 199 13.81 -9.99 -4.24
N GLY A 200 13.35 -11.25 -4.23
CA GLY A 200 13.38 -12.05 -3.01
C GLY A 200 12.36 -11.57 -1.98
N HIS A 201 11.20 -11.12 -2.49
CA HIS A 201 10.08 -10.71 -1.64
C HIS A 201 8.96 -11.74 -1.66
N ARG A 202 8.28 -11.88 -0.53
CA ARG A 202 7.18 -12.82 -0.43
C ARG A 202 5.87 -12.17 -0.89
N ASN A 203 5.48 -11.08 -0.23
CA ASN A 203 4.23 -10.39 -0.54
C ASN A 203 4.34 -9.00 0.05
N VAL A 204 4.31 -8.02 -0.84
CA VAL A 204 4.59 -6.63 -0.47
C VAL A 204 3.37 -5.75 -0.69
N GLN A 205 2.85 -5.19 0.41
CA GLN A 205 1.67 -4.32 0.34
C GLN A 205 1.88 -2.96 0.99
N GLY A 206 3.14 -2.54 1.13
CA GLY A 206 3.45 -1.22 1.70
C GLY A 206 4.72 -0.64 1.12
N LEU A 207 4.64 0.63 0.71
CA LEU A 207 5.77 1.40 0.19
C LEU A 207 5.73 2.81 0.74
N ALA A 208 6.90 3.35 1.09
CA ALA A 208 6.99 4.74 1.55
C ALA A 208 8.43 5.22 1.45
N TRP A 209 8.60 6.53 1.25
CA TRP A 209 9.93 7.13 1.16
C TRP A 209 10.18 8.07 2.34
N ASP A 210 11.42 8.10 2.82
CA ASP A 210 11.80 9.05 3.86
C ASP A 210 12.16 10.40 3.24
N ASP A 211 12.68 11.33 4.06
CA ASP A 211 13.00 12.70 3.66
CA ASP A 211 12.91 12.67 3.53
C ASP A 211 14.23 12.79 2.76
N LYS A 212 14.98 11.69 2.69
CA LYS A 212 16.16 11.61 1.82
CA LYS A 212 16.16 11.59 1.83
C LYS A 212 15.88 10.73 0.60
N GLN A 213 14.60 10.49 0.33
CA GLN A 213 14.12 9.80 -0.87
CA GLN A 213 14.21 9.82 -0.92
C GLN A 213 14.56 8.33 -0.91
N ARG A 214 14.73 7.75 0.26
CA ARG A 214 15.05 6.32 0.40
C ARG A 214 13.77 5.53 0.61
N LEU A 215 13.61 4.44 -0.15
CA LEU A 215 12.41 3.62 -0.13
C LEU A 215 12.43 2.59 0.98
N PHE A 216 11.27 2.44 1.65
CA PHE A 216 11.02 1.37 2.61
C PHE A 216 9.80 0.59 2.17
N ALA A 217 9.73 -0.68 2.56
CA ALA A 217 8.60 -1.52 2.17
C ALA A 217 8.28 -2.46 3.30
N SER A 218 6.99 -2.68 3.54
CA SER A 218 6.59 -3.72 4.48
C SER A 218 6.55 -5.06 3.73
N GLU A 219 6.42 -6.15 4.49
CA GLU A 219 6.30 -7.46 3.89
C GLU A 219 5.69 -8.46 4.86
N PHE A 220 4.76 -9.26 4.35
CA PHE A 220 4.23 -10.38 5.13
C PHE A 220 5.20 -11.54 5.11
N GLY A 221 5.57 -12.02 6.30
CA GLY A 221 6.27 -13.29 6.44
C GLY A 221 5.28 -14.45 6.43
N GLN A 222 5.81 -15.65 6.59
CA GLN A 222 4.96 -16.84 6.58
CA GLN A 222 4.99 -16.86 6.59
C GLN A 222 4.35 -16.99 7.96
N ASP A 223 5.00 -17.74 8.85
CA ASP A 223 4.51 -17.94 10.21
C ASP A 223 5.46 -17.41 11.26
N THR A 224 6.60 -16.84 10.83
CA THR A 224 7.62 -16.47 11.79
C THR A 224 7.91 -14.96 11.87
N TRP A 225 8.29 -14.34 10.76
CA TRP A 225 8.69 -12.93 10.79
C TRP A 225 8.15 -12.09 9.64
N ASP A 226 7.33 -11.09 9.99
CA ASP A 226 7.03 -10.00 9.06
C ASP A 226 8.18 -9.02 9.07
N GLU A 227 8.25 -8.19 8.04
CA GLU A 227 9.42 -7.35 7.81
C GLU A 227 9.11 -5.90 7.46
N LEU A 228 10.01 -5.00 7.86
CA LEU A 228 10.14 -3.68 7.23
C LEU A 228 11.53 -3.68 6.61
N ASN A 229 11.60 -3.47 5.29
CA ASN A 229 12.86 -3.51 4.56
C ASN A 229 13.23 -2.14 4.02
N ALA A 230 14.53 -1.82 4.05
CA ALA A 230 15.06 -0.65 3.38
C ALA A 230 15.48 -1.12 2.00
N ILE A 231 14.80 -0.59 0.97
CA ILE A 231 14.93 -1.10 -0.39
C ILE A 231 16.04 -0.41 -1.17
N LYS A 232 16.97 -1.22 -1.70
CA LYS A 232 17.99 -0.70 -2.60
CA LYS A 232 18.03 -0.73 -2.59
C LYS A 232 17.90 -1.45 -3.92
N PRO A 233 18.10 -0.73 -5.05
CA PRO A 233 17.92 -1.40 -6.34
C PRO A 233 18.85 -2.58 -6.53
N GLY A 234 18.28 -3.69 -6.98
CA GLY A 234 19.04 -4.89 -7.28
C GLY A 234 19.26 -5.82 -6.12
N ASP A 235 18.87 -5.41 -4.91
CA ASP A 235 19.10 -6.22 -3.72
C ASP A 235 18.09 -7.36 -3.61
N ASN A 236 18.52 -8.43 -2.92
CA ASN A 236 17.77 -9.67 -2.78
C ASN A 236 17.39 -9.80 -1.31
N TYR A 237 16.09 -9.78 -1.03
CA TYR A 237 15.59 -9.74 0.34
C TYR A 237 15.33 -11.13 0.95
N GLY A 238 15.67 -12.17 0.20
CA GLY A 238 15.86 -13.48 0.81
C GLY A 238 14.78 -14.54 0.68
N TRP A 239 13.53 -14.14 0.44
CA TRP A 239 12.45 -15.14 0.35
C TRP A 239 12.65 -16.02 -0.89
N PRO A 240 12.43 -17.34 -0.77
CA PRO A 240 11.97 -18.12 0.39
C PRO A 240 13.07 -18.79 1.24
N GLU A 241 14.33 -18.62 0.88
CA GLU A 241 15.43 -19.26 1.63
C GLU A 241 15.59 -18.63 3.02
N ALA A 242 15.24 -17.35 3.13
CA ALA A 242 15.31 -16.63 4.40
C ALA A 242 13.99 -15.96 4.74
N GLU A 243 13.74 -15.84 6.04
CA GLU A 243 12.56 -15.15 6.55
C GLU A 243 12.99 -14.40 7.80
N GLY A 244 12.88 -13.07 7.76
CA GLY A 244 13.37 -12.24 8.86
C GLY A 244 14.88 -12.01 8.80
N LYS A 245 15.43 -11.50 9.89
CA LYS A 245 16.86 -11.22 10.00
C LYS A 245 17.69 -12.49 10.04
N GLY A 246 18.97 -12.38 9.68
CA GLY A 246 19.88 -13.52 9.67
C GLY A 246 19.81 -14.34 8.40
N GLY A 247 19.47 -13.69 7.29
CA GLY A 247 19.31 -14.40 6.01
C GLY A 247 20.59 -14.99 5.46
N GLY A 248 21.71 -14.35 5.75
CA GLY A 248 23.02 -14.85 5.32
C GLY A 248 23.60 -13.98 4.23
N SER A 249 24.83 -14.28 3.84
CA SER A 249 25.53 -13.49 2.82
CA SER A 249 25.54 -13.51 2.80
C SER A 249 24.76 -13.47 1.50
N GLY A 250 24.67 -12.28 0.91
CA GLY A 250 23.96 -12.14 -0.36
C GLY A 250 22.50 -11.75 -0.20
N PHE A 251 21.95 -11.93 1.00
CA PHE A 251 20.60 -11.49 1.29
C PHE A 251 20.59 -10.22 2.15
N HIS A 252 19.64 -9.34 1.89
CA HIS A 252 19.51 -8.10 2.63
C HIS A 252 18.43 -8.30 3.70
N ASP A 253 18.83 -8.12 4.97
CA ASP A 253 17.94 -8.34 6.11
C ASP A 253 17.02 -7.14 6.38
N PRO A 254 15.89 -7.38 7.07
CA PRO A 254 14.99 -6.28 7.42
C PRO A 254 15.58 -5.27 8.39
N VAL A 255 15.04 -4.05 8.33
CA VAL A 255 15.26 -3.01 9.34
C VAL A 255 14.70 -3.46 10.69
N ALA A 256 13.54 -4.12 10.64
CA ALA A 256 12.84 -4.57 11.83
C ALA A 256 11.99 -5.76 11.43
N GLN A 257 11.73 -6.63 12.40
CA GLN A 257 10.88 -7.80 12.21
C GLN A 257 9.90 -7.97 13.35
N TRP A 258 8.81 -8.67 13.07
CA TRP A 258 7.72 -8.87 14.01
C TRP A 258 7.13 -10.25 13.87
N SER A 259 6.63 -10.80 14.97
CA SER A 259 5.87 -12.05 14.89
CA SER A 259 5.88 -12.05 14.89
C SER A 259 4.60 -11.80 14.09
N THR A 260 4.14 -12.84 13.39
CA THR A 260 3.01 -12.67 12.48
C THR A 260 1.69 -12.33 13.19
N ASP A 261 1.55 -12.78 14.43
CA ASP A 261 0.35 -12.46 15.20
CA ASP A 261 0.37 -12.47 15.24
C ASP A 261 0.30 -11.00 15.65
N GLU A 262 1.46 -10.34 15.73
CA GLU A 262 1.53 -8.97 16.22
CA GLU A 262 1.51 -8.96 16.23
C GLU A 262 1.55 -7.93 15.12
N ALA A 263 1.70 -8.39 13.87
CA ALA A 263 1.78 -7.49 12.73
C ALA A 263 0.92 -7.94 11.55
N SER A 264 1.49 -8.78 10.67
CA SER A 264 0.95 -9.10 9.35
C SER A 264 0.62 -7.78 8.63
N PRO A 265 1.66 -7.03 8.26
CA PRO A 265 1.52 -5.64 7.85
C PRO A 265 1.20 -5.43 6.37
N SER A 266 0.36 -4.42 6.13
CA SER A 266 0.04 -4.03 4.76
C SER A 266 0.61 -2.62 4.51
N GLY A 267 -0.23 -1.59 4.43
CA GLY A 267 0.26 -0.27 4.06
C GLY A 267 1.21 0.36 5.07
N ILE A 268 2.14 1.16 4.56
CA ILE A 268 3.00 2.00 5.40
C ILE A 268 2.97 3.46 4.95
N ALA A 269 3.29 4.36 5.87
CA ALA A 269 3.42 5.78 5.56
C ALA A 269 4.64 6.31 6.30
N TYR A 270 5.28 7.32 5.73
CA TYR A 270 6.37 8.01 6.42
C TYR A 270 5.87 9.38 6.89
N ALA A 271 6.06 9.67 8.18
CA ALA A 271 5.66 10.95 8.74
C ALA A 271 6.41 11.21 10.03
N GLU A 272 6.83 12.46 10.21
CA GLU A 272 7.50 12.87 11.44
CA GLU A 272 7.52 12.89 11.43
C GLU A 272 8.72 12.00 11.77
N GLY A 273 9.45 11.58 10.73
CA GLY A 273 10.68 10.81 10.91
C GLY A 273 10.53 9.35 11.24
N SER A 274 9.30 8.85 11.21
CA SER A 274 9.05 7.42 11.45
C SER A 274 8.27 6.78 10.31
N VAL A 275 8.48 5.48 10.16
CA VAL A 275 7.57 4.67 9.33
C VAL A 275 6.43 4.19 10.22
N TRP A 276 5.21 4.33 9.69
CA TRP A 276 3.99 3.91 10.38
C TRP A 276 3.42 2.76 9.56
N ALA A 278 0.55 -0.42 9.14
CA ALA A 278 -0.76 -0.96 9.51
C ALA A 278 -0.74 -2.48 9.59
N GLY A 279 -1.10 -3.01 10.77
CA GLY A 279 -1.14 -4.46 10.97
C GLY A 279 -2.54 -5.04 10.84
N LEU A 280 -2.67 -6.06 10.01
CA LEU A 280 -3.95 -6.76 9.81
C LEU A 280 -4.22 -7.68 10.99
N ARG A 281 -3.62 -8.87 11.00
CA ARG A 281 -3.77 -9.78 12.13
CA ARG A 281 -3.74 -9.80 12.12
C ARG A 281 -3.36 -9.11 13.44
N GLY A 282 -2.32 -8.27 13.40
CA GLY A 282 -1.89 -7.57 14.59
C GLY A 282 -2.90 -6.59 15.16
N GLU A 283 -3.84 -6.12 14.32
CA GLU A 283 -4.86 -5.12 14.73
C GLU A 283 -4.23 -3.93 15.45
N ARG A 284 -3.10 -3.47 14.93
CA ARG A 284 -2.38 -2.39 15.60
C ARG A 284 -1.53 -1.61 14.59
N LEU A 285 -1.19 -0.38 14.97
CA LEU A 285 -0.40 0.50 14.14
C LEU A 285 1.01 0.56 14.71
N TRP A 286 1.99 0.12 13.94
CA TRP A 286 3.38 0.12 14.40
C TRP A 286 4.12 1.39 14.00
N ARG A 287 4.97 1.88 14.91
CA ARG A 287 5.82 3.04 14.69
C ARG A 287 7.27 2.59 14.67
N ILE A 288 7.99 2.95 13.62
CA ILE A 288 9.42 2.63 13.53
C ILE A 288 10.17 3.95 13.32
N PRO A 289 10.72 4.52 14.41
CA PRO A 289 11.47 5.77 14.25
C PRO A 289 12.79 5.44 13.58
N LEU A 290 13.25 6.31 12.69
CA LEU A 290 14.41 5.99 11.86
C LEU A 290 15.62 6.90 12.11
N LYS A 291 16.79 6.26 12.10
CA LYS A 291 18.05 6.97 12.03
CA LYS A 291 18.06 6.97 12.04
C LYS A 291 18.75 6.45 10.78
N GLY A 292 18.76 7.26 9.74
CA GLY A 292 19.18 6.77 8.44
C GLY A 292 18.23 5.66 8.05
N THR A 293 18.76 4.50 7.67
CA THR A 293 17.91 3.37 7.30
C THR A 293 17.86 2.30 8.41
N ALA A 294 18.26 2.67 9.62
CA ALA A 294 18.18 1.79 10.78
C ALA A 294 17.09 2.26 11.73
N ALA A 295 16.55 1.35 12.53
CA ALA A 295 15.64 1.75 13.60
C ALA A 295 16.41 2.60 14.63
N ALA A 296 15.84 3.74 15.00
CA ALA A 296 16.48 4.67 15.95
C ALA A 296 16.22 4.27 17.40
N ALA A 297 15.15 3.52 17.60
CA ALA A 297 14.73 3.07 18.92
C ALA A 297 13.75 1.92 18.68
N ASP A 298 13.35 1.24 19.75
CA ASP A 298 12.42 0.12 19.64
CA ASP A 298 12.42 0.12 19.64
C ASP A 298 11.12 0.54 18.95
N PRO A 299 10.67 -0.27 17.97
CA PRO A 299 9.33 0.02 17.45
C PRO A 299 8.29 -0.09 18.56
N GLN A 300 7.20 0.67 18.42
CA GLN A 300 6.10 0.65 19.37
C GLN A 300 4.79 0.47 18.62
N ALA A 301 3.85 -0.25 19.22
CA ALA A 301 2.52 -0.44 18.64
C ALA A 301 1.47 0.39 19.36
N PHE A 302 0.50 0.88 18.58
CA PHE A 302 -0.59 1.70 19.08
C PHE A 302 -1.94 1.14 18.61
N LEU A 303 -2.99 1.46 19.37
CA LEU A 303 -4.37 1.14 19.00
C LEU A 303 -4.69 -0.36 18.96
N GLU A 304 -3.90 -1.18 19.66
CA GLU A 304 -4.08 -2.64 19.56
C GLU A 304 -5.52 -3.07 19.88
N GLY A 305 -6.16 -3.71 18.90
CA GLY A 305 -7.53 -4.22 19.03
C GLY A 305 -8.64 -3.19 19.15
N GLU A 306 -8.29 -1.90 19.08
CA GLU A 306 -9.28 -0.84 19.29
CA GLU A 306 -9.28 -0.84 19.30
C GLU A 306 -10.21 -0.66 18.09
N TYR A 307 -9.69 -0.92 16.90
CA TYR A 307 -10.46 -0.77 15.65
C TYR A 307 -10.44 -2.00 14.77
N GLY A 308 -9.90 -3.10 15.30
CA GLY A 308 -9.75 -4.35 14.54
C GLY A 308 -8.56 -4.29 13.59
N ARG A 309 -8.69 -5.01 12.48
CA ARG A 309 -7.65 -5.10 11.45
C ARG A 309 -7.39 -3.75 10.80
N LEU A 310 -6.11 -3.44 10.57
CA LEU A 310 -5.72 -2.18 9.93
C LEU A 310 -4.98 -2.48 8.65
N ARG A 311 -5.39 -1.86 7.54
CA ARG A 311 -4.78 -2.18 6.25
C ARG A 311 -3.94 -1.07 5.65
N THR A 312 -4.37 0.17 5.80
CA THR A 312 -3.78 1.25 5.03
C THR A 312 -3.55 2.47 5.90
N VAL A 313 -2.38 3.06 5.76
CA VAL A 313 -2.04 4.29 6.44
C VAL A 313 -1.36 5.22 5.44
N ALA A 314 -1.77 6.49 5.44
CA ALA A 314 -1.29 7.46 4.46
C ALA A 314 -0.98 8.77 5.17
N PRO A 315 0.04 9.50 4.68
CA PRO A 315 0.29 10.83 5.27
C PRO A 315 -0.84 11.80 4.92
N ALA A 316 -1.21 12.63 5.88
CA ALA A 316 -2.23 13.66 5.68
C ALA A 316 -1.60 15.04 5.75
N GLY A 317 -0.27 15.09 5.87
CA GLY A 317 0.45 16.35 5.98
C GLY A 317 0.87 16.61 7.40
N GLY A 318 2.14 17.00 7.56
CA GLY A 318 2.70 17.30 8.87
C GLY A 318 2.63 16.10 9.79
N ASP A 319 2.00 16.29 10.95
CA ASP A 319 1.91 15.24 11.96
C ASP A 319 0.61 14.44 11.91
N LYS A 320 -0.10 14.54 10.78
CA LYS A 320 -1.38 13.87 10.62
CA LYS A 320 -1.38 13.88 10.63
C LYS A 320 -1.31 12.65 9.71
N LEU A 321 -2.09 11.62 10.05
CA LEU A 321 -2.19 10.42 9.20
C LEU A 321 -3.64 10.05 8.95
N TRP A 322 -3.89 9.42 7.81
CA TRP A 322 -5.15 8.74 7.57
C TRP A 322 -4.94 7.25 7.82
N LEU A 323 -5.88 6.62 8.52
CA LEU A 323 -5.80 5.19 8.83
C LEU A 323 -7.09 4.48 8.43
N VAL A 324 -6.96 3.35 7.74
CA VAL A 324 -8.13 2.63 7.21
C VAL A 324 -8.24 1.24 7.81
N THR A 325 -9.41 0.90 8.35
CA THR A 325 -9.64 -0.43 8.93
C THR A 325 -9.98 -1.46 7.86
N SER A 326 -9.94 -2.74 8.22
CA SER A 326 -10.05 -3.80 7.23
C SER A 326 -10.79 -5.02 7.80
N ASN A 327 -11.87 -4.75 8.53
CA ASN A 327 -12.64 -5.83 9.13
C ASN A 327 -13.65 -6.46 8.18
N THR A 328 -13.80 -5.86 6.99
CA THR A 328 -14.72 -6.38 5.99
C THR A 328 -14.02 -7.15 4.86
N ASP A 329 -12.74 -7.47 5.05
CA ASP A 329 -11.94 -8.08 3.98
C ASP A 329 -12.01 -9.62 3.95
N GLY A 330 -12.95 -10.18 4.72
CA GLY A 330 -13.13 -11.64 4.76
C GLY A 330 -12.45 -12.30 5.96
N ARG A 331 -11.55 -11.59 6.62
CA ARG A 331 -10.81 -12.16 7.74
C ARG A 331 -11.05 -11.41 9.05
N GLY A 332 -12.04 -10.53 9.05
CA GLY A 332 -12.37 -9.80 10.26
C GLY A 332 -13.79 -10.06 10.75
N ASP A 333 -14.06 -9.50 11.93
CA ASP A 333 -15.42 -9.48 12.46
CA ASP A 333 -15.41 -9.48 12.49
C ASP A 333 -15.91 -8.05 12.38
N ALA A 334 -16.58 -7.74 11.28
CA ALA A 334 -17.02 -6.38 11.00
C ALA A 334 -18.03 -5.90 12.03
N LYS A 335 -17.79 -4.72 12.57
CA LYS A 335 -18.68 -4.07 13.52
CA LYS A 335 -18.73 -4.10 13.49
C LYS A 335 -19.51 -3.01 12.81
N GLY A 336 -20.61 -2.59 13.43
CA GLY A 336 -21.43 -1.54 12.85
C GLY A 336 -20.57 -0.35 12.51
N GLY A 337 -20.65 0.09 11.26
CA GLY A 337 -19.89 1.25 10.81
C GLY A 337 -18.60 0.92 10.10
N ASP A 338 -18.12 -0.32 10.23
CA ASP A 338 -16.93 -0.75 9.48
C ASP A 338 -17.20 -0.85 7.97
N ASP A 339 -16.17 -0.67 7.14
CA ASP A 339 -14.85 -0.21 7.58
C ASP A 339 -14.80 1.32 7.62
N ARG A 340 -13.83 1.84 8.37
CA ARG A 340 -13.78 3.27 8.62
CA ARG A 340 -13.74 3.25 8.72
C ARG A 340 -12.42 3.86 8.29
N ILE A 341 -12.41 5.17 8.10
CA ILE A 341 -11.17 5.92 7.98
C ILE A 341 -11.08 6.80 9.23
N LEU A 342 -9.91 6.76 9.87
CA LEU A 342 -9.61 7.61 11.03
C LEU A 342 -8.57 8.67 10.68
N GLU A 343 -8.66 9.81 11.36
CA GLU A 343 -7.62 10.83 11.30
CA GLU A 343 -7.63 10.83 11.30
C GLU A 343 -6.81 10.76 12.59
N LEU A 344 -5.49 10.64 12.44
CA LEU A 344 -4.57 10.52 13.57
C LEU A 344 -3.64 11.72 13.62
N GLU A 345 -3.23 12.06 14.84
CA GLU A 345 -2.17 13.03 15.09
C GLU A 345 -1.08 12.28 15.84
N VAL A 346 0.15 12.31 15.30
CA VAL A 346 1.20 11.43 15.78
C VAL A 346 2.50 12.16 16.16
N GLU A 347 3.30 11.50 16.98
CA GLU A 347 4.67 11.91 17.27
C GLU A 347 5.59 10.72 17.11
#